data_3FHB
#
_entry.id   3FHB
#
_cell.length_a   55.240
_cell.length_b   56.700
_cell.length_c   56.480
_cell.angle_alpha   90.00
_cell.angle_beta   112.86
_cell.angle_gamma   90.00
#
_symmetry.space_group_name_H-M   'P 1 21 1'
#
loop_
_entity.id
_entity.type
_entity.pdbx_description
1 polymer 'Poly [ADP-ribose] polymerase 3'
2 non-polymer '3-AMINOBENZOIC ACID'
3 water water
#
_entity_poly.entity_id   1
_entity_poly.type   'polypeptide(L)'
_entity_poly.pdbx_seq_one_letter_code
;SMKRVQPCSLDPATQKLITNIFSKEMFKNTMALMDLDVKKMPLGKLSKQQIARGFEALEALEEALKGPTDGGQSLEELSS
HFYTVIPHNFGHSQPPPINSPELLQAKKDMLLVLADIELAQALQAVSEQEKTVEEVPHPLDRDYQLLKCQLQLLDSGAPE
YKVIQTYLEQTGSNHRCPTLQHIWKVNQEGEEDRFQAHSKLGNRKLLWHGTNMAVVAAILTSGLRIMPHSGGRVGKGIYF
ASENSKSAGYVIGMKCGAHHVGYMFLGEVALGREHHINTDNPSLKSPPPGFDSVIARGHTEPDPTQDTELELDGQQVVVP
QGQPVPCPEFSSSTFSQSEYLIYQESQCRLRYLLEVH
;
_entity_poly.pdbx_strand_id   A
#
loop_
_chem_comp.id
_chem_comp.type
_chem_comp.name
_chem_comp.formula
GAB non-polymer '3-AMINOBENZOIC ACID' 'C7 H7 N O2'
#
# COMPACT_ATOMS: atom_id res chain seq x y z
N SER A 1 12.21 11.69 39.30
CA SER A 1 13.07 11.82 38.06
C SER A 1 12.86 10.68 37.06
N MET A 2 12.48 9.49 37.55
CA MET A 2 12.25 8.33 36.67
C MET A 2 10.77 8.16 36.30
N LYS A 3 10.48 8.27 35.02
CA LYS A 3 9.13 8.23 34.53
C LYS A 3 8.56 6.83 34.62
N ARG A 4 7.29 6.76 35.06
CA ARG A 4 6.51 5.54 35.05
C ARG A 4 6.05 5.20 33.64
N VAL A 5 6.28 3.96 33.21
CA VAL A 5 5.69 3.45 31.97
C VAL A 5 4.39 2.70 32.33
N GLN A 6 3.26 3.18 31.77
CA GLN A 6 1.92 2.67 32.13
C GLN A 6 1.70 1.30 31.46
N PRO A 7 0.88 0.42 32.06
CA PRO A 7 0.64 -0.90 31.42
C PRO A 7 0.06 -0.75 30.01
N CYS A 8 0.26 -1.77 29.19
CA CYS A 8 -0.22 -1.72 27.81
C CYS A 8 -1.73 -2.02 27.72
N SER A 9 -2.49 -1.19 27.00
CA SER A 9 -3.93 -1.39 26.83
C SER A 9 -4.29 -2.38 25.73
N LEU A 10 -3.29 -2.80 24.94
CA LEU A 10 -3.47 -3.52 23.68
C LEU A 10 -3.50 -5.03 23.86
N ASP A 11 -4.37 -5.67 23.10
CA ASP A 11 -4.46 -7.12 23.12
C ASP A 11 -3.20 -7.70 22.41
N PRO A 12 -2.92 -9.01 22.60
CA PRO A 12 -1.69 -9.60 22.04
C PRO A 12 -1.52 -9.40 20.54
N ALA A 13 -2.57 -9.60 19.77
CA ALA A 13 -2.49 -9.57 18.31
C ALA A 13 -2.15 -8.19 17.85
N THR A 14 -2.80 -7.20 18.45
CA THR A 14 -2.52 -5.80 18.15
C THR A 14 -1.10 -5.36 18.58
N GLN A 15 -0.62 -5.84 19.73
CA GLN A 15 0.77 -5.56 20.11
C GLN A 15 1.76 -6.03 19.04
N LYS A 16 1.54 -7.24 18.55
CA LYS A 16 2.45 -7.87 17.58
C LYS A 16 2.45 -7.07 16.29
N LEU A 17 1.25 -6.70 15.85
CA LEU A 17 1.08 -5.83 14.67
C LEU A 17 1.89 -4.55 14.77
N ILE A 18 1.63 -3.80 15.84
CA ILE A 18 2.27 -2.52 16.07
C ILE A 18 3.79 -2.67 16.20
N THR A 19 4.24 -3.77 16.82
CA THR A 19 5.66 -4.12 16.84
C THR A 19 6.18 -4.36 15.44
N ASN A 20 5.47 -5.16 14.65
CA ASN A 20 5.91 -5.42 13.28
C ASN A 20 6.02 -4.17 12.40
N ILE A 21 5.01 -3.31 12.41
CA ILE A 21 4.98 -2.21 11.43
C ILE A 21 5.86 -1.03 11.82
N PHE A 22 6.41 -1.00 13.03
CA PHE A 22 7.38 0.02 13.42
C PHE A 22 8.76 -0.57 13.67
N SER A 23 8.91 -1.88 13.42
CA SER A 23 10.18 -2.61 13.66
C SER A 23 11.35 -2.08 12.85
N LYS A 24 12.39 -1.65 13.54
CA LYS A 24 13.61 -1.14 12.86
C LYS A 24 14.18 -2.18 11.89
N GLU A 25 14.26 -3.42 12.37
CA GLU A 25 14.70 -4.59 11.60
C GLU A 25 13.86 -4.79 10.32
N MET A 26 12.55 -4.60 10.43
CA MET A 26 11.68 -4.74 9.29
C MET A 26 11.99 -3.65 8.23
N PHE A 27 12.15 -2.41 8.72
CA PHE A 27 12.58 -1.30 7.89
C PHE A 27 13.92 -1.55 7.21
N LYS A 28 14.94 -1.93 7.98
CA LYS A 28 16.26 -2.17 7.38
C LYS A 28 16.13 -3.27 6.31
N ASN A 29 15.43 -4.35 6.66
CA ASN A 29 15.17 -5.46 5.76
C ASN A 29 14.61 -4.96 4.47
N THR A 30 13.63 -4.05 4.57
CA THR A 30 12.96 -3.55 3.40
C THR A 30 13.98 -2.76 2.60
N MET A 31 14.85 -2.01 3.27
CA MET A 31 15.87 -1.28 2.54
C MET A 31 16.86 -2.22 1.82
N ALA A 32 17.36 -3.22 2.54
CA ALA A 32 18.25 -4.23 1.91
C ALA A 32 17.58 -4.98 0.77
N LEU A 33 16.28 -5.21 0.87
CA LEU A 33 15.51 -5.90 -0.19
C LEU A 33 15.37 -5.03 -1.44
N MET A 34 15.55 -3.72 -1.29
CA MET A 34 15.45 -2.77 -2.39
C MET A 34 16.87 -2.35 -2.84
N ASP A 35 17.90 -3.09 -2.39
CA ASP A 35 19.28 -2.82 -2.76
C ASP A 35 19.85 -1.54 -2.18
N LEU A 36 19.20 -1.00 -1.16
CA LEU A 36 19.65 0.22 -0.51
C LEU A 36 20.77 -0.15 0.43
N ASP A 37 21.75 0.75 0.54
CA ASP A 37 22.90 0.53 1.38
C ASP A 37 22.59 1.11 2.75
N VAL A 38 22.12 0.25 3.65
CA VAL A 38 21.68 0.66 4.96
C VAL A 38 22.78 1.24 5.82
N LYS A 39 24.01 0.89 5.49
CA LYS A 39 25.16 1.33 6.28
C LYS A 39 25.46 2.80 6.01
N LYS A 40 25.37 3.20 4.73
CA LYS A 40 25.52 4.61 4.33
C LYS A 40 24.23 5.42 4.49
N MET A 41 23.10 4.74 4.64
CA MET A 41 21.79 5.40 4.67
C MET A 41 20.94 4.80 5.78
N PRO A 42 21.32 5.05 7.06
CA PRO A 42 20.59 4.44 8.20
C PRO A 42 19.28 5.16 8.58
N LEU A 43 18.39 4.44 9.25
CA LEU A 43 17.02 4.90 9.48
C LEU A 43 16.95 6.28 10.08
N GLY A 44 17.83 6.54 11.03
CA GLY A 44 17.85 7.82 11.72
C GLY A 44 18.48 8.95 10.95
N LYS A 45 19.12 8.66 9.83
CA LYS A 45 19.75 9.70 8.99
C LYS A 45 18.84 10.03 7.79
N LEU A 46 17.88 9.15 7.57
CA LEU A 46 16.93 9.25 6.47
C LEU A 46 16.17 10.58 6.56
N SER A 47 16.11 11.32 5.45
CA SER A 47 15.53 12.66 5.47
C SER A 47 14.62 13.01 4.29
N LYS A 48 13.65 13.89 4.51
CA LYS A 48 12.78 14.36 3.44
C LYS A 48 13.51 15.10 2.30
N GLN A 49 14.50 15.91 2.68
CA GLN A 49 15.38 16.59 1.74
C GLN A 49 16.05 15.61 0.79
N GLN A 50 16.51 14.51 1.35
CA GLN A 50 17.33 13.56 0.60
C GLN A 50 16.45 12.82 -0.39
N ILE A 51 15.31 12.32 0.08
CA ILE A 51 14.33 11.68 -0.79
C ILE A 51 13.89 12.63 -1.89
N ALA A 52 13.71 13.90 -1.54
CA ALA A 52 13.38 14.94 -2.52
C ALA A 52 14.48 15.09 -3.58
N ARG A 53 15.75 15.02 -3.17
CA ARG A 53 16.86 15.11 -4.11
C ARG A 53 16.88 13.87 -5.02
N GLY A 54 16.69 12.69 -4.43
CA GLY A 54 16.53 11.46 -5.19
C GLY A 54 15.50 11.59 -6.31
N PHE A 55 14.30 12.10 -5.99
CA PHE A 55 13.24 12.23 -7.01
C PHE A 55 13.66 13.19 -8.14
N GLU A 56 14.27 14.31 -7.78
CA GLU A 56 14.78 15.20 -8.81
C GLU A 56 15.83 14.52 -9.69
N ALA A 57 16.70 13.70 -9.09
CA ALA A 57 17.73 12.98 -9.86
C ALA A 57 17.02 12.05 -10.85
N LEU A 58 15.94 11.40 -10.38
CA LEU A 58 15.09 10.56 -11.22
C LEU A 58 14.39 11.34 -12.34
N GLU A 59 13.85 12.51 -12.00
CA GLU A 59 13.25 13.43 -12.96
C GLU A 59 14.22 13.78 -14.09
N ALA A 60 15.44 14.10 -13.71
CA ALA A 60 16.50 14.39 -14.68
C ALA A 60 16.71 13.22 -15.63
N LEU A 61 16.62 12.01 -15.08
CA LEU A 61 16.76 10.78 -15.85
C LEU A 61 15.59 10.57 -16.82
N GLU A 62 14.38 10.92 -16.39
CA GLU A 62 13.19 10.69 -17.20
C GLU A 62 13.20 11.62 -18.39
N GLU A 63 13.57 12.88 -18.16
CA GLU A 63 13.80 13.81 -19.26
C GLU A 63 14.80 13.18 -20.22
N ALA A 64 15.89 12.63 -19.70
CA ALA A 64 16.94 12.01 -20.54
C ALA A 64 16.40 10.89 -21.45
N LEU A 65 15.64 9.96 -20.89
CA LEU A 65 15.06 8.86 -21.64
C LEU A 65 13.95 9.32 -22.59
N LYS A 66 12.97 10.02 -22.02
CA LYS A 66 11.79 10.49 -22.77
C LYS A 66 12.10 11.70 -23.65
N GLY A 67 13.32 12.22 -23.56
CA GLY A 67 13.81 13.27 -24.45
C GLY A 67 14.54 12.64 -25.62
N PRO A 68 15.07 13.50 -26.55
CA PRO A 68 15.96 13.03 -27.62
C PRO A 68 17.43 13.28 -27.24
N THR A 69 18.34 12.81 -28.08
CA THR A 69 19.79 13.05 -27.87
C THR A 69 20.21 14.49 -28.20
N ASP A 70 19.80 15.46 -27.37
CA ASP A 70 20.43 16.80 -27.33
C ASP A 70 21.79 16.64 -26.64
N GLY A 71 22.43 17.71 -26.21
CA GLY A 71 23.79 17.59 -25.65
C GLY A 71 23.88 17.22 -24.18
N GLY A 72 22.78 16.73 -23.61
CA GLY A 72 22.69 16.55 -22.18
C GLY A 72 23.63 15.51 -21.61
N GLN A 73 23.62 15.37 -20.29
CA GLN A 73 24.39 14.36 -19.59
C GLN A 73 23.93 12.94 -19.99
N SER A 74 24.86 12.01 -20.13
CA SER A 74 24.49 10.62 -20.41
C SER A 74 23.66 10.02 -19.28
N LEU A 75 23.03 8.87 -19.57
CA LEU A 75 22.26 8.11 -18.56
C LEU A 75 23.22 7.60 -17.48
N GLU A 76 24.45 7.29 -17.89
CA GLU A 76 25.50 6.82 -16.99
C GLU A 76 25.79 7.88 -15.94
N GLU A 77 26.15 9.08 -16.38
CA GLU A 77 26.44 10.12 -15.39
C GLU A 77 25.22 10.46 -14.50
N LEU A 78 24.04 10.50 -15.10
CA LEU A 78 22.82 10.84 -14.37
C LEU A 78 22.43 9.76 -13.37
N SER A 79 22.65 8.49 -13.72
CA SER A 79 22.45 7.35 -12.80
C SER A 79 23.39 7.46 -11.63
N SER A 80 24.65 7.76 -11.96
CA SER A 80 25.69 7.94 -10.96
C SER A 80 25.37 9.03 -9.95
N HIS A 81 24.76 10.13 -10.40
CA HIS A 81 24.36 11.16 -9.45
C HIS A 81 23.26 10.64 -8.53
N PHE A 82 22.27 9.96 -9.10
CA PHE A 82 21.22 9.34 -8.30
C PHE A 82 21.82 8.43 -7.23
N TYR A 83 22.75 7.58 -7.64
CA TYR A 83 23.36 6.66 -6.68
C TYR A 83 24.25 7.33 -5.63
N THR A 84 24.62 8.59 -5.84
CA THR A 84 25.32 9.38 -4.82
C THR A 84 24.32 9.90 -3.77
N VAL A 85 23.17 10.36 -4.26
CA VAL A 85 22.13 10.89 -3.39
C VAL A 85 21.36 9.78 -2.63
N ILE A 86 21.06 8.68 -3.32
CA ILE A 86 20.49 7.48 -2.69
C ILE A 86 21.47 6.30 -2.81
N PRO A 87 22.33 6.09 -1.80
CA PRO A 87 23.36 5.04 -1.82
C PRO A 87 22.80 3.63 -1.88
N HIS A 88 23.18 2.90 -2.90
CA HIS A 88 22.77 1.52 -3.09
C HIS A 88 23.93 0.60 -2.80
N ASN A 89 23.59 -0.62 -2.43
CA ASN A 89 24.58 -1.66 -2.29
C ASN A 89 24.27 -2.81 -3.22
N PHE A 90 25.27 -3.15 -4.03
CA PHE A 90 25.20 -4.29 -4.94
C PHE A 90 26.48 -5.12 -4.77
N GLY A 91 26.71 -5.57 -3.53
CA GLY A 91 27.96 -6.23 -3.18
C GLY A 91 29.19 -5.45 -3.65
N HIS A 92 29.16 -4.14 -3.47
CA HIS A 92 30.30 -3.28 -3.83
C HIS A 92 30.78 -3.47 -5.29
N SER A 93 29.80 -3.58 -6.20
CA SER A 93 30.01 -3.43 -7.64
C SER A 93 29.31 -2.15 -8.05
N GLN A 94 29.64 -1.66 -9.24
CA GLN A 94 29.02 -0.45 -9.77
C GLN A 94 27.54 -0.74 -10.04
N PRO A 95 26.62 0.08 -9.48
CA PRO A 95 25.20 -0.13 -9.75
C PRO A 95 24.84 0.04 -11.23
N PRO A 96 23.69 -0.49 -11.65
CA PRO A 96 23.39 -0.53 -13.06
C PRO A 96 22.76 0.78 -13.53
N PRO A 97 23.04 1.19 -14.78
CA PRO A 97 22.45 2.42 -15.30
C PRO A 97 20.94 2.31 -15.46
N ILE A 98 20.23 3.35 -15.02
CA ILE A 98 18.77 3.42 -15.13
C ILE A 98 18.47 3.91 -16.53
N ASN A 99 18.16 2.98 -17.42
CA ASN A 99 18.21 3.23 -18.86
C ASN A 99 17.03 2.62 -19.64
N SER A 100 15.91 2.46 -18.94
CA SER A 100 14.66 1.97 -19.51
C SER A 100 13.51 2.51 -18.66
N PRO A 101 12.30 2.58 -19.24
CA PRO A 101 11.19 3.08 -18.40
C PRO A 101 10.95 2.18 -17.19
N GLU A 102 11.06 0.86 -17.39
CA GLU A 102 10.81 -0.15 -16.35
C GLU A 102 11.70 0.10 -15.12
N LEU A 103 12.98 0.35 -15.40
CA LEU A 103 13.96 0.62 -14.36
C LEU A 103 13.65 1.96 -13.66
N LEU A 104 13.25 2.95 -14.46
CA LEU A 104 12.96 4.26 -13.93
C LEU A 104 11.81 4.16 -12.93
N GLN A 105 10.72 3.52 -13.34
CA GLN A 105 9.55 3.38 -12.45
C GLN A 105 9.93 2.54 -11.24
N ALA A 106 10.73 1.50 -11.44
CA ALA A 106 11.18 0.68 -10.28
C ALA A 106 11.87 1.55 -9.21
N LYS A 107 12.63 2.52 -9.65
CA LYS A 107 13.35 3.40 -8.72
C LYS A 107 12.45 4.47 -8.11
N LYS A 108 11.48 4.94 -8.88
CA LYS A 108 10.42 5.78 -8.30
C LYS A 108 9.68 5.04 -7.18
N ASP A 109 9.34 3.76 -7.43
CA ASP A 109 8.54 2.98 -6.48
C ASP A 109 9.28 2.74 -5.17
N MET A 110 10.59 2.52 -5.30
CA MET A 110 11.49 2.38 -4.18
C MET A 110 11.49 3.65 -3.34
N LEU A 111 11.67 4.79 -3.99
CA LEU A 111 11.74 6.07 -3.28
C LEU A 111 10.38 6.39 -2.62
N LEU A 112 9.31 5.84 -3.18
CA LEU A 112 7.96 5.95 -2.58
C LEU A 112 7.84 5.11 -1.32
N VAL A 113 8.43 3.91 -1.32
CA VAL A 113 8.48 3.11 -0.10
C VAL A 113 9.37 3.78 0.97
N LEU A 114 10.55 4.21 0.56
CA LEU A 114 11.49 4.87 1.49
C LEU A 114 10.91 6.14 2.15
N ALA A 115 10.20 6.93 1.35
CA ALA A 115 9.44 8.06 1.86
C ALA A 115 8.48 7.61 2.99
N ASP A 116 7.80 6.50 2.77
CA ASP A 116 6.89 6.01 3.79
C ASP A 116 7.61 5.45 5.01
N ILE A 117 8.81 4.91 4.81
CA ILE A 117 9.69 4.55 5.94
C ILE A 117 10.14 5.80 6.73
N GLU A 118 10.49 6.86 6.02
CA GLU A 118 10.89 8.12 6.66
C GLU A 118 9.70 8.73 7.43
N LEU A 119 8.53 8.59 6.84
CA LEU A 119 7.29 8.99 7.49
C LEU A 119 7.12 8.33 8.86
N ALA A 120 7.25 7.00 8.91
CA ALA A 120 7.21 6.24 10.17
C ALA A 120 8.25 6.77 11.16
N GLN A 121 9.49 6.95 10.71
CA GLN A 121 10.54 7.46 11.60
C GLN A 121 10.20 8.84 12.16
N ALA A 122 9.68 9.70 11.29
CA ALA A 122 9.32 11.07 11.65
C ALA A 122 8.22 11.05 12.69
N LEU A 123 7.30 10.12 12.49
CA LEU A 123 6.15 9.98 13.36
C LEU A 123 6.56 9.62 14.77
N GLN A 124 7.67 8.89 14.88
CA GLN A 124 8.14 8.40 16.16
C GLN A 124 8.97 9.39 16.96
N ALA A 125 9.37 10.51 16.35
CA ALA A 125 10.12 11.56 17.05
C ALA A 125 9.42 11.95 18.34
N VAL A 126 10.18 12.14 19.40
CA VAL A 126 9.60 12.45 20.71
C VAL A 126 9.35 13.95 20.78
N SER A 127 8.13 14.32 21.10
CA SER A 127 7.80 15.71 21.33
C SER A 127 8.41 16.18 22.66
N GLU A 128 8.34 17.49 22.88
CA GLU A 128 8.86 18.15 24.08
C GLU A 128 7.87 18.01 25.22
N GLN A 129 6.58 18.06 24.88
CA GLN A 129 5.52 17.58 25.76
C GLN A 129 5.96 16.27 26.43
N GLU A 130 6.27 15.29 25.58
CA GLU A 130 6.58 13.94 26.06
C GLU A 130 7.82 13.88 26.96
N LYS A 131 8.74 14.85 26.83
CA LYS A 131 9.89 14.90 27.73
C LYS A 131 9.46 15.45 29.09
N THR A 132 8.37 16.21 29.12
CA THR A 132 7.97 16.91 30.32
C THR A 132 6.95 16.14 31.17
N VAL A 133 6.14 15.26 30.55
CA VAL A 133 5.18 14.43 31.30
C VAL A 133 5.91 13.38 32.14
N GLU A 134 5.43 13.13 33.35
CA GLU A 134 6.12 12.22 34.25
C GLU A 134 5.62 10.77 34.21
N GLU A 135 4.57 10.49 33.47
CA GLU A 135 4.27 9.11 33.11
C GLU A 135 4.20 9.02 31.59
N VAL A 136 4.74 7.92 31.04
CA VAL A 136 4.65 7.66 29.61
C VAL A 136 3.78 6.43 29.33
N PRO A 137 3.22 6.38 28.12
CA PRO A 137 2.44 5.20 27.74
C PRO A 137 3.37 4.03 27.48
N HIS A 138 2.86 2.81 27.51
CA HIS A 138 3.65 1.67 27.04
C HIS A 138 4.07 2.00 25.61
N PRO A 139 5.32 1.68 25.25
CA PRO A 139 5.79 2.05 23.91
C PRO A 139 4.86 1.63 22.77
N LEU A 140 4.14 0.51 22.92
CA LEU A 140 3.23 0.01 21.87
C LEU A 140 1.92 0.84 21.79
N ASP A 141 1.48 1.32 22.95
CA ASP A 141 0.37 2.27 23.03
C ASP A 141 0.74 3.62 22.44
N ARG A 142 1.94 4.09 22.73
CA ARG A 142 2.39 5.32 22.11
C ARG A 142 2.36 5.18 20.58
N ASP A 143 2.93 4.09 20.07
CA ASP A 143 3.06 3.90 18.63
C ASP A 143 1.69 3.74 17.99
N TYR A 144 0.78 3.01 18.64
CA TYR A 144 -0.58 2.92 18.14
C TYR A 144 -1.28 4.31 18.12
N GLN A 145 -1.08 5.06 19.21
CA GLN A 145 -1.63 6.40 19.34
C GLN A 145 -1.11 7.35 18.26
N LEU A 146 0.16 7.21 17.89
CA LEU A 146 0.75 8.01 16.81
C LEU A 146 0.03 7.85 15.46
N LEU A 147 -0.57 6.69 15.21
CA LEU A 147 -1.32 6.45 13.98
C LEU A 147 -2.60 7.31 13.85
N LYS A 148 -3.12 7.77 14.98
CA LYS A 148 -4.39 8.49 14.99
C LYS A 148 -5.37 7.71 14.10
N CYS A 149 -5.47 6.41 14.37
CA CYS A 149 -6.28 5.52 13.59
C CYS A 149 -6.75 4.35 14.46
N GLN A 150 -8.05 4.09 14.41
CA GLN A 150 -8.65 3.11 15.27
C GLN A 150 -8.54 1.70 14.67
N LEU A 151 -8.14 0.74 15.50
CA LEU A 151 -8.01 -0.66 15.11
C LEU A 151 -8.79 -1.52 16.09
N GLN A 152 -9.73 -2.29 15.58
CA GLN A 152 -10.52 -3.16 16.45
C GLN A 152 -10.37 -4.59 15.95
N LEU A 153 -9.76 -5.44 16.77
CA LEU A 153 -9.60 -6.86 16.43
C LEU A 153 -10.96 -7.51 16.36
N LEU A 154 -11.16 -8.30 15.31
CA LEU A 154 -12.39 -9.01 15.11
C LEU A 154 -12.17 -10.38 15.65
N ASP A 155 -13.19 -10.90 16.33
CA ASP A 155 -13.21 -12.31 16.63
C ASP A 155 -14.17 -13.04 15.69
N SER A 156 -14.12 -14.35 15.74
CA SER A 156 -14.63 -15.21 14.68
C SER A 156 -16.14 -15.13 14.45
N GLY A 157 -16.86 -14.55 15.41
CA GLY A 157 -18.30 -14.37 15.29
C GLY A 157 -18.73 -12.93 15.06
N ALA A 158 -17.80 -12.06 14.63
CA ALA A 158 -18.14 -10.73 14.15
C ALA A 158 -18.96 -10.85 12.84
N PRO A 159 -19.95 -9.95 12.66
CA PRO A 159 -20.93 -10.08 11.56
C PRO A 159 -20.30 -10.21 10.19
N GLU A 160 -19.21 -9.46 9.95
CA GLU A 160 -18.52 -9.49 8.66
C GLU A 160 -17.45 -10.60 8.52
N TYR A 161 -17.02 -11.19 9.65
CA TYR A 161 -15.89 -12.15 9.67
C TYR A 161 -15.96 -13.24 8.59
N LYS A 162 -17.10 -13.94 8.49
CA LYS A 162 -17.25 -15.04 7.51
C LYS A 162 -17.26 -14.54 6.08
N VAL A 163 -17.87 -13.37 5.85
CA VAL A 163 -17.81 -12.72 4.54
C VAL A 163 -16.37 -12.50 4.06
N ILE A 164 -15.54 -11.90 4.92
CA ILE A 164 -14.14 -11.58 4.61
C ILE A 164 -13.30 -12.84 4.36
N GLN A 165 -13.55 -13.82 5.22
CA GLN A 165 -12.86 -15.08 5.20
C GLN A 165 -13.15 -15.77 3.90
N THR A 166 -14.42 -15.74 3.47
CA THR A 166 -14.82 -16.37 2.22
C THR A 166 -14.27 -15.62 1.02
N TYR A 167 -14.24 -14.30 1.10
CA TYR A 167 -13.61 -13.45 0.08
C TYR A 167 -12.15 -13.86 -0.11
N LEU A 168 -11.45 -13.98 1.01
CA LEU A 168 -10.06 -14.39 1.05
C LEU A 168 -9.89 -15.77 0.40
N GLU A 169 -10.66 -16.74 0.85
CA GLU A 169 -10.46 -18.11 0.43
C GLU A 169 -10.84 -18.36 -1.01
N GLN A 170 -11.99 -17.83 -1.42
CA GLN A 170 -12.50 -18.11 -2.75
C GLN A 170 -11.70 -17.41 -3.85
N THR A 171 -11.13 -16.24 -3.55
CA THR A 171 -10.35 -15.49 -4.55
C THR A 171 -8.85 -15.54 -4.31
N GLY A 172 -8.41 -16.20 -3.24
CA GLY A 172 -6.97 -16.48 -3.05
C GLY A 172 -6.49 -17.66 -3.89
N SER A 173 -5.18 -17.89 -3.93
CA SER A 173 -4.66 -18.98 -4.78
C SER A 173 -5.13 -20.34 -4.25
N ASN A 174 -5.49 -21.24 -5.17
CA ASN A 174 -6.04 -22.57 -4.78
C ASN A 174 -5.10 -23.36 -3.89
N HIS A 175 -3.83 -23.48 -4.33
CA HIS A 175 -2.83 -24.26 -3.58
C HIS A 175 -2.15 -23.38 -2.49
N ARG A 176 -1.38 -22.38 -2.92
CA ARG A 176 -0.54 -21.54 -2.02
C ARG A 176 -1.36 -20.48 -1.25
N CYS A 177 -2.42 -20.90 -0.57
CA CYS A 177 -3.45 -19.96 -0.09
C CYS A 177 -3.02 -19.22 1.16
N PRO A 178 -3.30 -17.91 1.21
CA PRO A 178 -2.83 -17.22 2.41
C PRO A 178 -3.63 -17.68 3.63
N THR A 179 -2.93 -17.91 4.75
CA THR A 179 -3.58 -18.34 5.99
C THR A 179 -3.97 -17.11 6.80
N LEU A 180 -5.27 -16.99 7.06
CA LEU A 180 -5.81 -15.91 7.84
C LEU A 180 -5.43 -16.02 9.32
N GLN A 181 -4.85 -14.97 9.89
CA GLN A 181 -4.50 -14.97 11.30
C GLN A 181 -5.39 -14.03 12.10
N HIS A 182 -5.47 -12.79 11.66
CA HIS A 182 -6.30 -11.76 12.29
C HIS A 182 -6.90 -10.80 11.27
N ILE A 183 -8.05 -10.26 11.64
CA ILE A 183 -8.65 -9.15 10.95
C ILE A 183 -8.81 -8.03 11.97
N TRP A 184 -8.40 -6.84 11.59
CA TRP A 184 -8.78 -5.65 12.34
C TRP A 184 -9.75 -4.79 11.52
N LYS A 185 -10.78 -4.29 12.17
CA LYS A 185 -11.59 -3.25 11.56
C LYS A 185 -10.78 -1.98 11.71
N VAL A 186 -10.73 -1.18 10.64
CA VAL A 186 -9.86 -0.02 10.55
C VAL A 186 -10.74 1.22 10.37
N ASN A 187 -10.54 2.20 11.24
CA ASN A 187 -11.23 3.47 11.13
C ASN A 187 -10.22 4.61 11.24
N GLN A 188 -9.62 5.04 10.13
CA GLN A 188 -8.83 6.27 10.19
C GLN A 188 -9.82 7.40 10.23
N GLU A 189 -9.70 8.30 11.21
CA GLU A 189 -10.68 9.39 11.27
C GLU A 189 -10.27 10.55 10.37
N GLY A 190 -11.28 11.25 9.84
CA GLY A 190 -11.05 12.36 8.92
C GLY A 190 -10.83 11.87 7.50
N GLU A 191 -10.51 10.59 7.37
CA GLU A 191 -10.81 9.86 6.13
C GLU A 191 -12.34 9.90 5.92
N GLU A 192 -13.08 9.87 7.03
CA GLU A 192 -14.55 9.83 7.03
C GLU A 192 -15.23 10.95 6.25
N ASP A 193 -14.67 12.16 6.33
CA ASP A 193 -15.28 13.35 5.73
C ASP A 193 -15.03 13.49 4.24
N ARG A 194 -13.83 13.14 3.78
CA ARG A 194 -13.57 13.13 2.34
C ARG A 194 -14.49 12.10 1.68
N PHE A 195 -14.60 10.93 2.30
CA PHE A 195 -15.44 9.84 1.82
C PHE A 195 -16.96 10.16 1.84
N GLN A 196 -17.43 10.93 2.83
CA GLN A 196 -18.85 11.41 2.84
C GLN A 196 -19.21 12.20 1.58
N ALA A 197 -18.21 12.82 0.97
CA ALA A 197 -18.37 13.61 -0.25
C ALA A 197 -18.58 12.75 -1.51
N HIS A 198 -18.72 11.43 -1.36
CA HIS A 198 -19.01 10.57 -2.51
C HIS A 198 -20.22 9.70 -2.18
N SER A 199 -21.11 10.25 -1.36
CA SER A 199 -22.16 9.48 -0.73
C SER A 199 -23.34 9.15 -1.65
N LYS A 200 -23.66 10.05 -2.57
CA LYS A 200 -24.65 9.75 -3.62
C LYS A 200 -24.04 8.91 -4.76
N LEU A 201 -22.70 8.79 -4.77
CA LEU A 201 -22.01 7.83 -5.64
C LEU A 201 -22.29 6.39 -5.18
N GLY A 202 -22.83 5.58 -6.08
CA GLY A 202 -23.12 4.19 -5.79
C GLY A 202 -22.02 3.32 -6.34
N ASN A 203 -22.33 2.03 -6.49
CA ASN A 203 -21.37 1.08 -6.99
C ASN A 203 -20.12 1.02 -6.10
N ARG A 204 -20.32 0.57 -4.87
CA ARG A 204 -19.25 0.44 -3.92
C ARG A 204 -18.84 -0.99 -3.84
N LYS A 205 -17.54 -1.24 -3.78
CA LYS A 205 -17.06 -2.61 -3.65
C LYS A 205 -15.92 -2.63 -2.63
N LEU A 206 -15.81 -3.75 -1.92
CA LEU A 206 -14.74 -3.95 -0.99
C LEU A 206 -13.61 -4.65 -1.78
N LEU A 207 -12.46 -4.01 -1.88
CA LEU A 207 -11.40 -4.48 -2.76
C LEU A 207 -10.09 -4.66 -2.01
N TRP A 208 -9.30 -5.61 -2.49
CA TRP A 208 -8.03 -5.94 -1.88
C TRP A 208 -7.02 -4.89 -2.26
N HIS A 209 -6.06 -4.66 -1.38
CA HIS A 209 -4.89 -3.86 -1.69
C HIS A 209 -3.77 -4.43 -0.87
N GLY A 210 -2.84 -5.12 -1.54
CA GLY A 210 -1.60 -5.57 -0.90
C GLY A 210 -0.47 -4.55 -0.96
N THR A 211 0.36 -4.51 0.09
CA THR A 211 1.51 -3.60 0.15
C THR A 211 2.58 -4.24 0.97
N ASN A 212 3.79 -3.67 0.97
CA ASN A 212 4.75 -4.22 1.89
C ASN A 212 4.58 -3.69 3.27
N MET A 213 5.06 -4.49 4.21
CA MET A 213 4.94 -4.18 5.60
C MET A 213 5.48 -2.81 5.98
N ALA A 214 6.43 -2.30 5.19
CA ALA A 214 7.12 -1.05 5.47
C ALA A 214 6.27 0.17 5.24
N VAL A 215 5.17 0.05 4.46
CA VAL A 215 4.30 1.20 4.22
C VAL A 215 2.99 1.13 5.01
N VAL A 216 2.81 0.05 5.79
CA VAL A 216 1.53 -0.15 6.47
C VAL A 216 1.25 0.95 7.51
N ALA A 217 2.27 1.40 8.22
CA ALA A 217 2.09 2.47 9.25
C ALA A 217 1.75 3.82 8.59
N ALA A 218 2.46 4.12 7.49
CA ALA A 218 2.09 5.24 6.62
C ALA A 218 0.62 5.21 6.19
N ILE A 219 0.13 4.07 5.70
CA ILE A 219 -1.27 3.97 5.22
C ILE A 219 -2.29 4.15 6.36
N LEU A 220 -2.03 3.51 7.50
CA LEU A 220 -2.87 3.69 8.68
C LEU A 220 -2.86 5.11 9.17
N THR A 221 -1.81 5.88 8.88
CA THR A 221 -1.72 7.26 9.34
C THR A 221 -2.38 8.24 8.36
N SER A 222 -2.15 8.01 7.08
CA SER A 222 -2.45 9.00 6.04
C SER A 222 -3.45 8.55 4.99
N GLY A 223 -3.79 7.26 5.01
CA GLY A 223 -4.65 6.67 4.01
C GLY A 223 -3.80 6.16 2.86
N LEU A 224 -4.47 5.52 1.91
CA LEU A 224 -3.88 5.23 0.64
C LEU A 224 -3.81 6.55 -0.15
N ARG A 225 -2.69 6.78 -0.83
CA ARG A 225 -2.38 8.07 -1.43
C ARG A 225 -1.98 7.91 -2.88
N ILE A 226 -2.25 8.93 -3.69
CA ILE A 226 -1.72 8.97 -5.05
C ILE A 226 -0.58 9.97 -5.01
N MET A 227 0.65 9.46 -4.98
CA MET A 227 1.82 10.33 -4.86
C MET A 227 2.25 10.77 -6.25
N PRO A 228 3.07 11.84 -6.32
CA PRO A 228 3.48 12.45 -7.61
C PRO A 228 4.22 11.54 -8.62
N HIS A 229 5.06 10.63 -8.15
CA HIS A 229 5.74 9.71 -9.07
C HIS A 229 5.17 8.28 -9.12
N SER A 230 3.99 8.07 -8.55
CA SER A 230 3.38 6.75 -8.58
C SER A 230 2.83 6.47 -9.98
N GLY A 231 2.65 5.20 -10.28
CA GLY A 231 2.23 4.80 -11.59
C GLY A 231 2.13 3.30 -11.67
N GLY A 232 1.90 2.79 -12.87
CA GLY A 232 1.68 1.37 -13.11
C GLY A 232 0.88 1.19 -14.38
N ARG A 233 0.36 -0.02 -14.59
CA ARG A 233 -0.16 -0.39 -15.88
C ARG A 233 -1.45 0.34 -16.22
N VAL A 234 -2.08 0.94 -15.20
CA VAL A 234 -3.30 1.71 -15.38
C VAL A 234 -3.10 3.15 -14.87
N GLY A 235 -1.85 3.60 -14.84
CA GLY A 235 -1.52 4.98 -14.57
C GLY A 235 -1.59 5.41 -13.12
N LYS A 236 -1.93 6.68 -12.91
CA LYS A 236 -1.61 7.37 -11.65
C LYS A 236 -2.81 7.47 -10.75
N GLY A 237 -3.10 6.35 -10.12
CA GLY A 237 -4.07 6.32 -9.04
C GLY A 237 -3.81 5.14 -8.11
N ILE A 238 -4.85 4.75 -7.37
CA ILE A 238 -4.75 3.73 -6.35
C ILE A 238 -5.25 2.39 -6.90
N TYR A 239 -4.39 1.38 -6.79
CA TYR A 239 -4.65 0.07 -7.33
C TYR A 239 -5.29 -0.85 -6.31
N PHE A 240 -6.38 -1.47 -6.74
CA PHE A 240 -7.11 -2.49 -5.98
C PHE A 240 -7.45 -3.71 -6.83
N ALA A 241 -7.68 -4.85 -6.19
CA ALA A 241 -8.06 -6.07 -6.92
C ALA A 241 -9.24 -6.75 -6.26
N SER A 242 -10.12 -7.37 -7.07
CA SER A 242 -11.18 -8.27 -6.57
C SER A 242 -10.66 -9.68 -6.31
N GLU A 243 -9.47 -9.97 -6.83
CA GLU A 243 -8.81 -11.26 -6.55
C GLU A 243 -7.63 -11.10 -5.57
N ASN A 244 -7.83 -11.63 -4.37
CA ASN A 244 -6.81 -11.72 -3.34
C ASN A 244 -5.45 -12.20 -3.87
N SER A 245 -5.46 -13.25 -4.68
CA SER A 245 -4.24 -13.75 -5.31
C SER A 245 -3.47 -12.69 -6.12
N LYS A 246 -4.19 -11.76 -6.76
CA LYS A 246 -3.54 -10.61 -7.44
C LYS A 246 -2.84 -9.67 -6.45
N SER A 247 -3.57 -9.22 -5.45
CA SER A 247 -3.02 -8.33 -4.43
C SER A 247 -1.92 -9.01 -3.59
N ALA A 248 -2.02 -10.33 -3.40
CA ALA A 248 -1.01 -11.06 -2.62
C ALA A 248 0.37 -10.95 -3.28
N GLY A 249 0.37 -10.86 -4.62
CA GLY A 249 1.57 -10.61 -5.38
C GLY A 249 2.34 -9.37 -4.98
N TYR A 250 1.66 -8.39 -4.37
CA TYR A 250 2.30 -7.11 -3.98
C TYR A 250 2.50 -6.97 -2.48
N VAL A 251 2.15 -7.99 -1.73
CA VAL A 251 2.45 -8.04 -0.31
C VAL A 251 3.92 -8.43 -0.22
N ILE A 252 4.69 -7.67 0.57
CA ILE A 252 6.07 -8.08 0.93
C ILE A 252 6.08 -8.27 2.45
N GLY A 253 6.12 -9.54 2.85
CA GLY A 253 6.19 -9.95 4.25
C GLY A 253 7.62 -10.15 4.73
N MET A 254 7.74 -10.73 5.91
CA MET A 254 9.02 -10.87 6.58
C MET A 254 8.94 -12.20 7.30
N LYS A 255 10.07 -12.88 7.38
CA LYS A 255 10.13 -14.16 8.04
C LYS A 255 10.14 -13.90 9.53
N CYS A 256 9.18 -14.50 10.22
CA CYS A 256 9.12 -14.40 11.68
C CYS A 256 9.04 -15.81 12.22
N GLY A 257 10.03 -16.20 13.03
CA GLY A 257 10.08 -17.57 13.55
C GLY A 257 9.94 -18.54 12.39
N ALA A 258 8.97 -19.44 12.45
CA ALA A 258 8.75 -20.43 11.37
C ALA A 258 7.79 -19.94 10.30
N HIS A 259 7.37 -18.68 10.39
CA HIS A 259 6.34 -18.11 9.53
C HIS A 259 6.83 -16.92 8.69
N HIS A 260 6.18 -16.74 7.54
CA HIS A 260 6.32 -15.54 6.74
C HIS A 260 5.05 -14.72 6.95
N VAL A 261 5.15 -13.58 7.66
CA VAL A 261 3.98 -12.75 8.02
C VAL A 261 3.81 -11.58 7.06
N GLY A 262 2.56 -11.34 6.63
CA GLY A 262 2.20 -10.27 5.70
C GLY A 262 0.85 -9.64 6.00
N TYR A 263 0.66 -8.43 5.47
CA TYR A 263 -0.50 -7.59 5.80
C TYR A 263 -1.18 -7.16 4.54
N MET A 264 -2.51 -7.10 4.60
CA MET A 264 -3.36 -6.88 3.45
C MET A 264 -4.55 -6.00 3.87
N PHE A 265 -4.85 -4.97 3.09
CA PHE A 265 -6.00 -4.13 3.36
C PHE A 265 -7.20 -4.53 2.52
N LEU A 266 -8.38 -4.28 3.09
CA LEU A 266 -9.60 -4.20 2.30
C LEU A 266 -10.08 -2.74 2.39
N GLY A 267 -10.28 -2.12 1.24
CA GLY A 267 -10.78 -0.77 1.15
C GLY A 267 -12.18 -0.79 0.59
N GLU A 268 -13.04 0.09 1.10
CA GLU A 268 -14.33 0.33 0.49
C GLU A 268 -14.07 1.36 -0.59
N VAL A 269 -14.33 0.96 -1.84
CA VAL A 269 -14.07 1.81 -2.99
C VAL A 269 -15.38 2.16 -3.70
N ALA A 270 -15.72 3.46 -3.72
CA ALA A 270 -16.84 3.98 -4.48
C ALA A 270 -16.49 4.11 -5.95
N LEU A 271 -16.74 3.05 -6.71
CA LEU A 271 -16.36 2.99 -8.14
C LEU A 271 -17.30 3.81 -9.06
N GLY A 272 -18.47 4.19 -8.55
CA GLY A 272 -19.46 4.87 -9.37
C GLY A 272 -19.58 4.23 -10.75
N ARG A 273 -19.52 5.07 -11.80
CA ARG A 273 -19.63 4.60 -13.17
C ARG A 273 -18.28 4.15 -13.73
N GLU A 274 -18.21 2.88 -14.11
CA GLU A 274 -16.94 2.25 -14.50
C GLU A 274 -16.64 2.39 -15.98
N HIS A 275 -15.38 2.65 -16.29
CA HIS A 275 -14.88 2.63 -17.63
C HIS A 275 -13.93 1.43 -17.72
N HIS A 276 -14.29 0.47 -18.58
CA HIS A 276 -13.48 -0.72 -18.76
C HIS A 276 -12.47 -0.60 -19.87
N ILE A 277 -11.22 -0.94 -19.57
CA ILE A 277 -10.15 -1.04 -20.59
C ILE A 277 -9.70 -2.51 -20.69
N ASN A 278 -9.01 -2.86 -21.78
CA ASN A 278 -8.45 -4.21 -21.95
C ASN A 278 -7.03 -4.19 -22.43
N THR A 279 -6.40 -3.01 -22.45
CA THR A 279 -4.98 -2.87 -22.76
C THR A 279 -4.33 -1.94 -21.76
N ASP A 280 -3.04 -2.14 -21.50
CA ASP A 280 -2.32 -1.27 -20.57
C ASP A 280 -2.38 0.18 -21.04
N ASN A 281 -2.40 1.12 -20.10
CA ASN A 281 -2.25 2.54 -20.36
C ASN A 281 -1.61 3.23 -19.14
N PRO A 282 -0.28 3.24 -19.10
CA PRO A 282 0.39 3.78 -17.92
C PRO A 282 0.27 5.29 -17.75
N SER A 283 -0.23 5.96 -18.79
CA SER A 283 -0.42 7.43 -18.79
C SER A 283 -1.74 7.93 -18.17
N LEU A 284 -2.68 7.05 -17.89
CA LEU A 284 -3.95 7.46 -17.28
C LEU A 284 -3.75 8.27 -16.00
N LYS A 285 -4.37 9.44 -15.88
CA LYS A 285 -4.32 10.24 -14.64
C LYS A 285 -5.71 10.47 -14.05
N SER A 286 -6.73 9.94 -14.74
CA SER A 286 -8.13 10.06 -14.32
C SER A 286 -8.95 9.21 -15.29
N PRO A 287 -10.21 8.91 -14.95
CA PRO A 287 -11.05 8.19 -15.91
C PRO A 287 -11.42 9.11 -17.06
N PRO A 288 -12.09 8.56 -18.09
CA PRO A 288 -12.67 9.47 -19.11
C PRO A 288 -13.82 10.31 -18.54
N PRO A 289 -14.12 11.46 -19.17
CA PRO A 289 -14.94 12.51 -18.57
C PRO A 289 -16.28 12.10 -17.97
N GLY A 290 -16.94 11.09 -18.48
CA GLY A 290 -18.18 10.67 -17.79
C GLY A 290 -17.99 9.81 -16.55
N PHE A 291 -16.79 9.33 -16.30
CA PHE A 291 -16.60 8.18 -15.39
C PHE A 291 -15.88 8.48 -14.09
N ASP A 292 -16.08 7.59 -13.13
CA ASP A 292 -15.54 7.75 -11.77
C ASP A 292 -14.42 6.77 -11.45
N SER A 293 -14.30 5.71 -12.28
CA SER A 293 -13.23 4.75 -12.13
C SER A 293 -12.85 4.06 -13.45
N VAL A 294 -11.63 3.49 -13.47
CA VAL A 294 -11.15 2.70 -14.60
C VAL A 294 -10.91 1.29 -14.11
N ILE A 295 -11.55 0.31 -14.74
CA ILE A 295 -11.32 -1.10 -14.40
C ILE A 295 -10.60 -1.78 -15.56
N ALA A 296 -9.34 -2.14 -15.35
CA ALA A 296 -8.60 -2.95 -16.31
C ALA A 296 -9.14 -4.35 -16.13
N ARG A 297 -9.97 -4.78 -17.06
CA ARG A 297 -10.72 -6.02 -16.90
C ARG A 297 -9.89 -7.28 -17.15
N GLY A 298 -9.98 -8.20 -16.21
CA GLY A 298 -9.21 -9.43 -16.29
C GLY A 298 -9.91 -10.51 -17.10
N HIS A 299 -9.12 -11.50 -17.53
CA HIS A 299 -9.63 -12.78 -18.07
C HIS A 299 -10.68 -13.42 -17.17
N THR A 300 -10.52 -13.21 -15.86
CA THR A 300 -11.40 -13.76 -14.88
C THR A 300 -11.93 -12.71 -13.93
N GLU A 301 -12.97 -13.09 -13.21
CA GLU A 301 -13.59 -12.24 -12.23
C GLU A 301 -14.31 -13.12 -11.25
N PRO A 302 -14.28 -12.77 -9.95
CA PRO A 302 -15.04 -13.56 -9.01
C PRO A 302 -16.50 -13.60 -9.45
N ASP A 303 -17.05 -14.82 -9.47
CA ASP A 303 -18.40 -15.04 -10.00
C ASP A 303 -19.40 -14.04 -9.41
N PRO A 304 -19.79 -13.02 -10.19
CA PRO A 304 -20.68 -12.00 -9.66
C PRO A 304 -22.01 -12.55 -9.12
N THR A 305 -22.42 -13.74 -9.59
CA THR A 305 -23.65 -14.35 -9.10
C THR A 305 -23.53 -14.71 -7.64
N GLN A 306 -22.28 -14.84 -7.16
CA GLN A 306 -21.98 -15.10 -5.74
C GLN A 306 -21.67 -13.83 -4.92
N ASP A 307 -21.74 -12.65 -5.53
CA ASP A 307 -21.48 -11.40 -4.82
C ASP A 307 -22.45 -11.29 -3.66
N THR A 308 -21.98 -10.78 -2.53
CA THR A 308 -22.87 -10.42 -1.44
C THR A 308 -22.67 -8.93 -1.13
N GLU A 309 -23.39 -8.42 -0.13
CA GLU A 309 -23.26 -7.04 0.25
C GLU A 309 -23.00 -6.94 1.73
N LEU A 310 -22.38 -5.83 2.13
CA LEU A 310 -22.09 -5.56 3.52
C LEU A 310 -22.47 -4.10 3.78
N GLU A 311 -23.18 -3.87 4.87
CA GLU A 311 -23.60 -2.53 5.21
C GLU A 311 -22.56 -1.79 6.03
N LEU A 312 -21.85 -0.85 5.40
CA LEU A 312 -20.79 -0.12 6.08
C LEU A 312 -21.15 1.37 6.22
N ASP A 313 -21.30 1.82 7.46
CA ASP A 313 -21.83 3.16 7.75
C ASP A 313 -23.12 3.43 6.96
N GLY A 314 -24.03 2.45 6.98
CA GLY A 314 -25.32 2.57 6.31
C GLY A 314 -25.37 2.43 4.81
N GLN A 315 -24.24 2.12 4.15
CA GLN A 315 -24.19 2.01 2.68
C GLN A 315 -23.99 0.56 2.28
N GLN A 316 -24.61 0.18 1.18
CA GLN A 316 -24.39 -1.14 0.61
C GLN A 316 -23.02 -1.18 -0.06
N VAL A 317 -22.20 -2.16 0.34
CA VAL A 317 -20.87 -2.35 -0.22
C VAL A 317 -20.70 -3.80 -0.67
N VAL A 318 -20.46 -4.02 -1.95
CA VAL A 318 -20.49 -5.37 -2.45
C VAL A 318 -19.16 -6.11 -2.15
N VAL A 319 -19.29 -7.34 -1.63
CA VAL A 319 -18.14 -8.16 -1.32
C VAL A 319 -18.28 -9.44 -2.14
N PRO A 320 -17.37 -9.64 -3.11
CA PRO A 320 -17.41 -10.88 -3.88
C PRO A 320 -17.15 -12.06 -2.98
N GLN A 321 -17.82 -13.19 -3.24
CA GLN A 321 -17.66 -14.43 -2.44
C GLN A 321 -17.40 -15.68 -3.33
N GLY A 322 -17.32 -15.45 -4.65
CA GLY A 322 -17.22 -16.54 -5.61
C GLY A 322 -15.79 -16.78 -6.07
N GLN A 323 -15.51 -17.99 -6.52
CA GLN A 323 -14.22 -18.27 -7.16
C GLN A 323 -14.18 -17.55 -8.51
N PRO A 324 -12.95 -17.27 -9.01
CA PRO A 324 -12.78 -16.65 -10.31
C PRO A 324 -13.44 -17.47 -11.38
N VAL A 325 -14.18 -16.83 -12.27
CA VAL A 325 -14.63 -17.50 -13.49
C VAL A 325 -14.23 -16.72 -14.73
N PRO A 326 -14.16 -17.41 -15.90
CA PRO A 326 -13.81 -16.70 -17.13
C PRO A 326 -14.85 -15.65 -17.53
N CYS A 327 -14.39 -14.56 -18.11
CA CYS A 327 -15.25 -13.51 -18.64
C CYS A 327 -15.08 -13.44 -20.13
N PRO A 328 -15.91 -14.19 -20.88
CA PRO A 328 -15.66 -14.30 -22.32
C PRO A 328 -15.29 -12.99 -23.00
N GLU A 329 -15.95 -11.87 -22.64
CA GLU A 329 -15.72 -10.57 -23.28
C GLU A 329 -14.35 -9.95 -23.04
N PHE A 330 -13.61 -10.46 -22.06
CA PHE A 330 -12.29 -9.94 -21.80
C PHE A 330 -11.21 -11.00 -21.93
N SER A 331 -11.52 -12.07 -22.65
CA SER A 331 -10.59 -13.19 -22.81
C SER A 331 -9.27 -12.81 -23.49
N SER A 332 -9.26 -11.77 -24.31
CA SER A 332 -8.02 -11.33 -24.96
C SER A 332 -7.47 -10.04 -24.33
N SER A 333 -7.95 -9.71 -23.14
CA SER A 333 -7.40 -8.56 -22.42
C SER A 333 -5.93 -8.81 -22.09
N THR A 334 -5.19 -7.72 -22.02
CA THR A 334 -3.79 -7.79 -21.60
C THR A 334 -3.68 -8.06 -20.10
N PHE A 335 -4.81 -8.18 -19.40
CA PHE A 335 -4.84 -8.34 -17.96
C PHE A 335 -5.44 -9.68 -17.60
N SER A 336 -4.64 -10.54 -16.98
CA SER A 336 -5.13 -11.87 -16.51
C SER A 336 -6.13 -11.67 -15.39
N GLN A 337 -5.85 -10.73 -14.49
CA GLN A 337 -6.78 -10.39 -13.41
C GLN A 337 -7.13 -8.92 -13.43
N SER A 338 -8.32 -8.59 -12.94
CA SER A 338 -8.79 -7.20 -12.97
C SER A 338 -7.99 -6.30 -12.00
N GLU A 339 -7.67 -5.08 -12.48
CA GLU A 339 -7.07 -4.03 -11.65
C GLU A 339 -8.07 -2.90 -11.56
N TYR A 340 -8.50 -2.57 -10.35
CA TYR A 340 -9.51 -1.53 -10.14
C TYR A 340 -8.80 -0.23 -9.78
N LEU A 341 -9.11 0.83 -10.51
CA LEU A 341 -8.44 2.10 -10.34
C LEU A 341 -9.40 3.23 -10.02
N ILE A 342 -9.06 3.97 -8.96
CA ILE A 342 -9.66 5.29 -8.70
C ILE A 342 -8.54 6.31 -8.79
N TYR A 343 -8.89 7.53 -9.15
CA TYR A 343 -7.89 8.57 -9.44
C TYR A 343 -8.05 9.78 -8.53
N GLN A 344 -8.74 9.58 -7.42
CA GLN A 344 -8.71 10.53 -6.31
C GLN A 344 -8.85 9.82 -4.96
N GLU A 345 -8.00 10.22 -4.03
CA GLU A 345 -7.87 9.55 -2.75
C GLU A 345 -9.17 9.49 -1.96
N SER A 346 -10.03 10.50 -2.12
CA SER A 346 -11.31 10.54 -1.43
C SER A 346 -12.26 9.39 -1.75
N GLN A 347 -12.06 8.72 -2.88
CA GLN A 347 -12.98 7.65 -3.32
C GLN A 347 -12.82 6.29 -2.66
N CYS A 348 -11.83 6.17 -1.76
N CYS A 348 -11.89 6.17 -1.71
CA CYS A 348 -11.60 4.94 -0.98
CA CYS A 348 -11.81 4.94 -0.95
C CYS A 348 -11.57 5.26 0.52
C CYS A 348 -11.57 5.25 0.51
N ARG A 349 -11.94 4.26 1.31
CA ARG A 349 -11.95 4.38 2.73
C ARG A 349 -11.43 3.04 3.26
N LEU A 350 -10.40 3.08 4.08
CA LEU A 350 -9.90 1.87 4.74
C LEU A 350 -10.99 1.29 5.64
N ARG A 351 -11.20 -0.02 5.51
CA ARG A 351 -12.21 -0.73 6.31
C ARG A 351 -11.64 -1.86 7.16
N TYR A 352 -10.71 -2.64 6.61
CA TYR A 352 -10.12 -3.79 7.32
C TYR A 352 -8.62 -3.98 7.02
N LEU A 353 -7.88 -4.36 8.06
CA LEU A 353 -6.50 -4.87 7.92
C LEU A 353 -6.47 -6.36 8.26
N LEU A 354 -5.83 -7.16 7.41
CA LEU A 354 -5.66 -8.59 7.66
C LEU A 354 -4.19 -8.95 7.85
N GLU A 355 -3.92 -9.79 8.86
CA GLU A 355 -2.63 -10.49 8.96
C GLU A 355 -2.81 -11.85 8.34
N VAL A 356 -1.90 -12.22 7.44
CA VAL A 356 -1.95 -13.53 6.82
C VAL A 356 -0.58 -14.18 6.86
N HIS A 357 -0.57 -15.50 7.02
CA HIS A 357 0.65 -16.30 7.01
C HIS A 357 0.80 -17.03 5.69
C1' GAB B . -2.50 -4.19 -4.99
O1' GAB B . -3.11 -5.02 -4.24
O2' GAB B . -1.64 -3.35 -4.60
C1 GAB B . -2.83 -4.21 -6.47
C2 GAB B . -1.87 -3.82 -7.40
C3 GAB B . -2.22 -3.83 -8.75
C4 GAB B . -3.48 -4.21 -9.17
C5 GAB B . -4.41 -4.60 -8.22
C6 GAB B . -4.09 -4.59 -6.89
N3 GAB B . -1.34 -3.48 -9.66
#